data_3F9M
#
_entry.id   3F9M
#
_cell.length_a   65.700
_cell.length_b   81.200
_cell.length_c   85.600
_cell.angle_alpha   90.00
_cell.angle_beta   90.00
_cell.angle_gamma   90.00
#
_symmetry.space_group_name_H-M   'P 21 21 21'
#
loop_
_entity.id
_entity.type
_entity.pdbx_description
1 polymer Glucokinase
2 non-polymer alpha-D-glucopyranose
3 non-polymer 2-AMINO-4-FLUORO-5-[(1-METHYL-1H-IMIDAZOL-2-YL)SULFANYL]-N-(1,3-THIAZOL-2-YL)BENZAMIDE
4 water water
#
_entity_poly.entity_id   1
_entity_poly.type   'polypeptide(L)'
_entity_poly.pdbx_seq_one_letter_code
;MGHHHHHHENLYFQGMKKEKVEQILAEFQLQEEDLKKVMRRMQKEMDRGLRLETHEEASVKMLPTYVRSTPEGSEVGDFL
SLDLGGTNFRVMLVKVGEGEEGQWSVKTKHQMYSIPEDAMTGTAEMLFDYISECISDFLDKHQMKHKKLPLGFTFSFPVR
HEDIDKGILLNWTKGFKASGAEGNNVVGLLRDAIKRRGDFEMDVVAMVNDTVATMISCYYEDHQCEVGMIVGTGCNACYM
EEMQNVELVEGDEGRMCVNTEWGAFGDSGELDEFLLEYDRLVDESSANPGQQLYEKLIGGKYMGELVRLVLLRLVDENLL
FHGEASEQLRTRGAFETRFVSQVESDTGDRKQIYNILSTLGLRPSTTDCDIVRRACESVSTRAAHMCSAGLAGVINRMRE
SRSEDVMRITVGVDGSVYKLHPSFKERFHASVRRLTPSCEITFIESEEGSGRGAALVSAVACKKACMLGQ
;
_entity_poly.pdbx_strand_id   A
#
loop_
_chem_comp.id
_chem_comp.type
_chem_comp.name
_chem_comp.formula
GLC D-saccharide, alpha linking alpha-D-glucopyranose 'C6 H12 O6'
MRK non-polymer 2-AMINO-4-FLUORO-5-[(1-METHYL-1H-IMIDAZOL-2-YL)SULFANYL]-N-(1,3-THIAZOL-2-YL)BENZAMIDE 'C14 H12 F N5 O S2'
#
# COMPACT_ATOMS: atom_id res chain seq x y z
N GLU A 9 34.52 -22.59 -8.70
CA GLU A 9 35.05 -21.52 -7.94
C GLU A 9 35.82 -20.67 -8.91
N ASN A 10 37.02 -21.09 -9.27
CA ASN A 10 37.78 -20.34 -10.19
C ASN A 10 37.30 -18.88 -10.20
N LEU A 11 37.85 -18.10 -9.27
CA LEU A 11 37.35 -16.80 -8.94
C LEU A 11 37.21 -15.95 -10.11
N TYR A 12 37.99 -16.22 -11.10
CA TYR A 12 37.86 -15.46 -12.33
C TYR A 12 36.50 -15.71 -12.95
N PHE A 13 36.12 -16.98 -13.07
CA PHE A 13 34.80 -17.34 -13.61
C PHE A 13 33.61 -16.94 -12.72
N GLN A 14 33.82 -16.92 -11.39
CA GLN A 14 32.81 -16.40 -10.47
CA GLN A 14 32.78 -16.41 -10.51
C GLN A 14 32.61 -14.92 -10.73
N GLY A 15 33.72 -14.20 -10.88
CA GLY A 15 33.70 -12.77 -11.15
C GLY A 15 33.01 -12.45 -12.47
N MET A 16 33.29 -13.27 -13.48
CA MET A 16 32.69 -13.09 -14.80
C MET A 16 31.19 -13.27 -14.76
N LYS A 17 30.73 -14.31 -14.06
CA LYS A 17 29.30 -14.53 -13.84
C LYS A 17 28.68 -13.32 -13.14
N LYS A 18 29.36 -12.80 -12.12
CA LYS A 18 28.84 -11.62 -11.42
C LYS A 18 28.78 -10.37 -12.33
N GLU A 19 29.76 -10.20 -13.22
CA GLU A 19 29.73 -9.10 -14.20
C GLU A 19 28.52 -9.19 -15.11
N LYS A 20 28.23 -10.40 -15.58
CA LYS A 20 27.10 -10.63 -16.48
C LYS A 20 25.78 -10.37 -15.74
N VAL A 21 25.73 -10.81 -14.48
CA VAL A 21 24.57 -10.56 -13.63
C VAL A 21 24.37 -9.05 -13.50
N GLU A 22 25.45 -8.33 -13.22
CA GLU A 22 25.36 -6.89 -13.07
C GLU A 22 24.85 -6.21 -14.32
N GLN A 23 25.24 -6.71 -15.50
CA GLN A 23 24.76 -6.17 -16.77
C GLN A 23 23.27 -6.37 -16.93
N ILE A 24 22.76 -7.51 -16.47
CA ILE A 24 21.33 -7.79 -16.50
C ILE A 24 20.60 -6.93 -15.47
N LEU A 25 21.18 -6.80 -14.29
CA LEU A 25 20.52 -6.08 -13.19
C LEU A 25 20.53 -4.57 -13.38
N ALA A 26 21.46 -4.11 -14.22
CA ALA A 26 21.57 -2.69 -14.56
C ALA A 26 20.26 -2.12 -15.11
N GLU A 27 19.46 -2.99 -15.73
CA GLU A 27 18.15 -2.62 -16.27
C GLU A 27 17.22 -2.01 -15.23
N PHE A 28 17.44 -2.33 -13.97
CA PHE A 28 16.61 -1.84 -12.90
C PHE A 28 16.94 -0.43 -12.45
N GLN A 29 18.10 0.07 -12.87
CA GLN A 29 18.51 1.40 -12.46
C GLN A 29 17.58 2.48 -12.98
N LEU A 30 17.33 3.45 -12.12
CA LEU A 30 16.66 4.68 -12.51
C LEU A 30 17.54 5.86 -12.13
N GLN A 31 17.89 6.69 -13.12
CA GLN A 31 18.69 7.88 -12.89
C GLN A 31 17.83 8.91 -12.20
N GLU A 32 18.45 9.91 -11.58
CA GLU A 32 17.70 10.97 -10.91
CA GLU A 32 17.70 10.97 -10.91
C GLU A 32 16.72 11.61 -11.89
N GLU A 33 17.18 11.81 -13.13
CA GLU A 33 16.36 12.43 -14.15
C GLU A 33 15.12 11.57 -14.52
N ASP A 34 15.30 10.26 -14.55
CA ASP A 34 14.18 9.33 -14.72
C ASP A 34 13.14 9.50 -13.65
N LEU A 35 13.61 9.59 -12.40
CA LEU A 35 12.70 9.76 -11.26
C LEU A 35 12.02 11.10 -11.33
N LYS A 36 12.74 12.14 -11.74
CA LYS A 36 12.09 13.42 -11.88
C LYS A 36 11.02 13.37 -12.93
N LYS A 37 11.27 12.65 -14.02
CA LYS A 37 10.29 12.48 -15.08
C LYS A 37 9.06 11.75 -14.56
N VAL A 38 9.28 10.66 -13.84
CA VAL A 38 8.18 9.93 -13.22
C VAL A 38 7.43 10.87 -12.27
N MET A 39 8.17 11.62 -11.46
CA MET A 39 7.53 12.54 -10.52
C MET A 39 6.64 13.54 -11.24
N ARG A 40 7.18 14.14 -12.31
CA ARG A 40 6.39 15.09 -13.06
C ARG A 40 5.17 14.46 -13.69
N ARG A 41 5.32 13.24 -14.24
CA ARG A 41 4.19 12.59 -14.85
C ARG A 41 3.15 12.29 -13.78
N MET A 42 3.61 11.88 -12.59
CA MET A 42 2.70 11.60 -11.48
C MET A 42 1.95 12.88 -11.11
N GLN A 43 2.67 13.99 -11.02
CA GLN A 43 2.04 15.24 -10.65
C GLN A 43 1.02 15.67 -11.72
N LYS A 44 1.37 15.45 -12.99
CA LYS A 44 0.45 15.73 -14.07
C LYS A 44 -0.81 14.88 -13.91
N GLU A 45 -0.64 13.61 -13.58
CA GLU A 45 -1.82 12.78 -13.42
C GLU A 45 -2.65 13.14 -12.19
N MET A 46 -1.97 13.60 -11.14
CA MET A 46 -2.66 14.02 -9.95
C MET A 46 -3.51 15.22 -10.27
N ASP A 47 -2.96 16.16 -11.02
CA ASP A 47 -3.72 17.33 -11.42
CA ASP A 47 -3.71 17.34 -11.44
C ASP A 47 -4.97 16.90 -12.17
N ARG A 48 -4.80 15.98 -13.11
CA ARG A 48 -5.89 15.46 -13.93
C ARG A 48 -6.97 14.77 -13.12
N GLY A 49 -6.56 13.98 -12.12
CA GLY A 49 -7.53 13.27 -11.30
C GLY A 49 -8.40 14.19 -10.46
N LEU A 50 -7.89 15.38 -10.09
CA LEU A 50 -8.64 16.31 -9.25
C LEU A 50 -9.65 17.15 -10.02
N ARG A 51 -9.46 17.22 -11.33
CA ARG A 51 -10.28 18.10 -12.16
C ARG A 51 -11.49 17.37 -12.69
N LEU A 52 -12.63 18.04 -12.65
CA LEU A 52 -13.88 17.47 -13.09
C LEU A 52 -13.74 17.00 -14.54
N GLU A 53 -13.09 17.83 -15.36
CA GLU A 53 -12.96 17.58 -16.79
CA GLU A 53 -12.98 17.56 -16.80
C GLU A 53 -12.18 16.32 -17.13
N THR A 54 -11.16 16.02 -16.33
CA THR A 54 -10.25 14.93 -16.65
C THR A 54 -10.30 13.76 -15.67
N HIS A 55 -11.12 13.85 -14.64
CA HIS A 55 -11.12 12.83 -13.60
C HIS A 55 -11.40 11.44 -14.14
N GLU A 56 -12.37 11.31 -15.03
CA GLU A 56 -12.72 10.01 -15.51
C GLU A 56 -11.62 9.37 -16.35
N GLU A 57 -10.84 10.14 -17.05
CA GLU A 57 -9.76 9.56 -17.84
C GLU A 57 -8.45 9.40 -17.06
N ALA A 58 -8.33 10.09 -15.94
CA ALA A 58 -7.13 10.12 -15.13
C ALA A 58 -6.80 8.75 -14.59
N SER A 59 -5.54 8.33 -14.75
CA SER A 59 -5.12 7.06 -14.15
C SER A 59 -5.00 7.14 -12.63
N VAL A 60 -4.71 8.32 -12.12
CA VAL A 60 -4.55 8.53 -10.69
C VAL A 60 -5.80 9.27 -10.28
N LYS A 61 -6.66 8.57 -9.56
CA LYS A 61 -8.03 9.03 -9.36
C LYS A 61 -8.24 10.14 -8.35
N MET A 62 -7.29 10.30 -7.43
CA MET A 62 -7.38 11.45 -6.51
C MET A 62 -8.76 11.50 -5.89
N LEU A 63 -9.14 10.41 -5.25
CA LEU A 63 -10.49 10.27 -4.76
C LEU A 63 -10.75 11.06 -3.47
N PRO A 64 -11.75 11.92 -3.50
CA PRO A 64 -12.07 12.60 -2.26
C PRO A 64 -12.54 11.61 -1.20
N THR A 65 -12.05 11.77 0.03
CA THR A 65 -12.35 10.79 1.08
C THR A 65 -13.48 11.25 2.00
N TYR A 66 -13.84 12.51 1.89
CA TYR A 66 -14.77 13.15 2.83
C TYR A 66 -14.26 13.24 4.26
N VAL A 67 -12.95 13.03 4.43
CA VAL A 67 -12.30 13.27 5.69
C VAL A 67 -11.78 14.69 5.63
N ARG A 68 -12.44 15.58 6.38
CA ARG A 68 -12.14 17.00 6.32
C ARG A 68 -11.29 17.39 7.49
N SER A 69 -10.51 18.43 7.29
CA SER A 69 -9.79 19.08 8.37
C SER A 69 -10.86 19.77 9.22
N THR A 70 -10.64 19.86 10.48
CA THR A 70 -9.35 19.78 11.06
C THR A 70 -9.38 18.73 12.16
N PRO A 71 -10.50 18.60 12.88
CA PRO A 71 -11.76 19.30 12.62
C PRO A 71 -12.38 20.12 13.77
N GLU A 72 -13.25 19.50 14.56
CA GLU A 72 -13.85 20.06 15.76
C GLU A 72 -14.79 19.05 16.39
N GLY A 73 -14.47 18.61 17.60
CA GLY A 73 -15.39 17.87 18.43
C GLY A 73 -15.55 16.39 18.20
N SER A 74 -14.88 15.61 19.00
CA SER A 74 -14.96 14.20 18.85
C SER A 74 -15.74 13.55 19.97
N GLU A 75 -16.49 12.55 19.61
CA GLU A 75 -17.15 11.72 20.59
C GLU A 75 -16.07 10.90 21.29
N VAL A 76 -16.36 10.44 22.50
CA VAL A 76 -15.43 9.56 23.21
C VAL A 76 -16.10 8.23 23.51
N GLY A 77 -15.28 7.24 23.81
CA GLY A 77 -15.80 5.93 24.17
C GLY A 77 -15.23 4.86 23.28
N ASP A 78 -15.99 3.79 23.14
CA ASP A 78 -15.53 2.59 22.45
C ASP A 78 -15.96 2.57 21.00
N PHE A 79 -15.01 2.24 20.15
CA PHE A 79 -15.22 2.14 18.71
C PHE A 79 -14.76 0.80 18.23
N LEU A 80 -15.48 0.23 17.28
CA LEU A 80 -14.97 -0.97 16.62
C LEU A 80 -14.36 -0.56 15.29
N SER A 81 -13.17 -1.07 15.03
CA SER A 81 -12.49 -0.77 13.79
C SER A 81 -12.29 -2.05 13.05
N LEU A 82 -12.62 -2.02 11.77
CA LEU A 82 -12.37 -3.13 10.87
C LEU A 82 -11.31 -2.75 9.89
N ASP A 83 -10.56 -3.73 9.42
CA ASP A 83 -9.57 -3.46 8.41
C ASP A 83 -9.58 -4.59 7.41
N LEU A 84 -9.95 -4.27 6.18
CA LEU A 84 -9.91 -5.21 5.09
C LEU A 84 -9.03 -4.62 4.01
N GLY A 85 -8.02 -5.36 3.58
CA GLY A 85 -7.19 -4.85 2.50
C GLY A 85 -5.95 -5.68 2.26
N GLY A 86 -5.83 -6.75 3.02
CA GLY A 86 -4.80 -7.77 2.79
C GLY A 86 -5.41 -9.15 2.96
N THR A 87 -4.55 -10.14 3.17
CA THR A 87 -5.00 -11.51 3.34
C THR A 87 -5.64 -11.70 4.71
N ASN A 88 -5.36 -10.77 5.64
CA ASN A 88 -5.96 -10.83 6.96
C ASN A 88 -6.98 -9.73 7.18
N PHE A 89 -8.06 -10.11 7.82
CA PHE A 89 -9.10 -9.18 8.19
C PHE A 89 -8.93 -8.88 9.67
N ARG A 90 -8.88 -7.61 10.04
CA ARG A 90 -8.58 -7.27 11.43
C ARG A 90 -9.74 -6.55 12.05
N VAL A 91 -10.03 -6.93 13.28
CA VAL A 91 -11.05 -6.27 14.07
C VAL A 91 -10.39 -5.78 15.35
N MET A 92 -10.75 -4.56 15.74
CA MET A 92 -10.09 -3.93 16.85
C MET A 92 -11.11 -3.17 17.62
N LEU A 93 -11.00 -3.24 18.94
CA LEU A 93 -11.75 -2.36 19.81
C LEU A 93 -10.80 -1.26 20.22
N VAL A 94 -11.19 -0.01 19.99
CA VAL A 94 -10.34 1.09 20.39
C VAL A 94 -11.08 2.10 21.25
N LYS A 95 -10.41 2.56 22.30
CA LYS A 95 -10.96 3.57 23.17
C LYS A 95 -10.46 4.92 22.65
N VAL A 96 -11.40 5.83 22.44
CA VAL A 96 -11.06 7.19 22.04
C VAL A 96 -11.40 8.10 23.20
N GLY A 97 -10.50 9.01 23.46
CA GLY A 97 -10.65 9.88 24.58
C GLY A 97 -10.01 11.21 24.43
N GLU A 98 -10.27 12.02 25.47
CA GLU A 98 -10.27 13.49 25.59
C GLU A 98 -10.84 14.32 24.45
N GLN A 103 -7.48 14.42 20.47
CA GLN A 103 -8.14 13.17 20.82
C GLN A 103 -7.20 11.97 20.69
N TRP A 104 -7.00 11.26 21.80
CA TRP A 104 -6.14 10.08 21.79
C TRP A 104 -6.93 8.82 21.43
N SER A 105 -6.21 7.76 21.08
CA SER A 105 -6.84 6.49 20.74
C SER A 105 -5.91 5.36 21.18
N VAL A 106 -6.50 4.34 21.79
CA VAL A 106 -5.75 3.18 22.26
C VAL A 106 -6.43 1.88 21.87
N LYS A 107 -5.65 0.99 21.24
CA LYS A 107 -6.10 -0.35 20.93
C LYS A 107 -6.30 -1.13 22.23
N THR A 108 -7.53 -1.59 22.45
CA THR A 108 -7.88 -2.28 23.70
C THR A 108 -7.99 -3.80 23.52
N LYS A 109 -8.65 -4.22 22.45
CA LYS A 109 -8.69 -5.63 22.07
C LYS A 109 -8.56 -5.72 20.56
N HIS A 110 -8.05 -6.86 20.10
CA HIS A 110 -7.77 -7.03 18.69
C HIS A 110 -7.80 -8.48 18.29
N GLN A 111 -8.29 -8.74 17.09
CA GLN A 111 -8.16 -10.06 16.53
C GLN A 111 -8.02 -9.92 15.04
N MET A 112 -7.19 -10.78 14.48
CA MET A 112 -6.95 -10.89 13.05
CA MET A 112 -7.05 -10.85 13.04
C MET A 112 -7.51 -12.23 12.58
N TYR A 113 -8.08 -12.27 11.40
CA TYR A 113 -8.66 -13.46 10.83
C TYR A 113 -8.10 -13.64 9.45
N SER A 114 -7.63 -14.84 9.17
CA SER A 114 -7.17 -15.18 7.84
C SER A 114 -8.39 -15.34 6.95
N ILE A 115 -8.37 -14.67 5.81
CA ILE A 115 -9.52 -14.77 4.90
C ILE A 115 -9.35 -15.99 4.01
N PRO A 116 -10.35 -16.88 4.02
CA PRO A 116 -10.29 -18.05 3.15
C PRO A 116 -10.26 -17.60 1.69
N GLU A 117 -9.55 -18.38 0.88
CA GLU A 117 -9.35 -18.04 -0.53
C GLU A 117 -10.70 -17.89 -1.23
N ASP A 118 -11.61 -18.80 -0.92
CA ASP A 118 -12.98 -18.80 -1.47
C ASP A 118 -13.76 -17.49 -1.26
N ALA A 119 -13.39 -16.74 -0.22
CA ALA A 119 -14.08 -15.50 0.13
C ALA A 119 -13.42 -14.27 -0.50
N MET A 120 -12.13 -14.36 -0.84
CA MET A 120 -11.46 -13.24 -1.49
C MET A 120 -11.67 -13.19 -2.99
N THR A 121 -11.95 -14.35 -3.59
CA THR A 121 -12.13 -14.48 -5.03
C THR A 121 -13.46 -15.15 -5.38
N GLY A 122 -14.37 -15.22 -4.40
CA GLY A 122 -15.69 -15.78 -4.62
C GLY A 122 -16.70 -14.68 -4.90
N THR A 123 -17.79 -14.66 -4.14
CA THR A 123 -18.80 -13.62 -4.25
C THR A 123 -18.60 -12.59 -3.13
N ALA A 124 -19.09 -11.38 -3.34
CA ALA A 124 -19.09 -10.38 -2.28
C ALA A 124 -19.90 -10.85 -1.08
N GLU A 125 -20.96 -11.61 -1.35
CA GLU A 125 -21.74 -12.19 -0.27
C GLU A 125 -20.88 -13.06 0.62
N MET A 126 -20.08 -13.94 0.03
CA MET A 126 -19.19 -14.82 0.81
C MET A 126 -18.19 -14.00 1.60
N LEU A 127 -17.60 -13.00 0.92
CA LEU A 127 -16.61 -12.17 1.59
C LEU A 127 -17.20 -11.44 2.78
N PHE A 128 -18.31 -10.75 2.56
CA PHE A 128 -18.89 -9.97 3.63
C PHE A 128 -19.57 -10.85 4.69
N ASP A 129 -20.03 -12.04 4.28
CA ASP A 129 -20.49 -13.02 5.27
C ASP A 129 -19.35 -13.41 6.20
N TYR A 130 -18.17 -13.66 5.62
CA TYR A 130 -17.02 -14.06 6.43
C TYR A 130 -16.64 -12.90 7.35
N ILE A 131 -16.59 -11.69 6.81
CA ILE A 131 -16.35 -10.50 7.63
C ILE A 131 -17.32 -10.42 8.79
N SER A 132 -18.60 -10.63 8.50
CA SER A 132 -19.62 -10.54 9.55
C SER A 132 -19.45 -11.63 10.59
N GLU A 133 -19.04 -12.81 10.14
CA GLU A 133 -18.73 -13.92 11.04
C GLU A 133 -17.60 -13.52 11.98
N CYS A 134 -16.55 -12.91 11.43
CA CYS A 134 -15.42 -12.53 12.25
C CYS A 134 -15.81 -11.49 13.26
N ILE A 135 -16.58 -10.49 12.83
CA ILE A 135 -17.07 -9.46 13.77
C ILE A 135 -17.87 -10.11 14.88
N SER A 136 -18.75 -11.04 14.50
CA SER A 136 -19.51 -11.77 15.51
C SER A 136 -18.61 -12.54 16.49
N ASP A 137 -17.63 -13.28 15.97
CA ASP A 137 -16.67 -14.04 16.80
C ASP A 137 -15.92 -13.10 17.77
N PHE A 138 -15.57 -11.92 17.27
CA PHE A 138 -14.83 -10.96 18.08
C PHE A 138 -15.71 -10.37 19.17
N LEU A 139 -16.92 -9.98 18.79
CA LEU A 139 -17.84 -9.37 19.74
C LEU A 139 -18.24 -10.37 20.83
N ASP A 140 -18.12 -11.65 20.53
CA ASP A 140 -18.44 -12.72 21.50
C ASP A 140 -17.29 -13.04 22.44
N LYS A 141 -16.06 -13.02 21.91
CA LYS A 141 -14.87 -13.23 22.72
C LYS A 141 -14.76 -12.17 23.82
N HIS A 142 -15.36 -11.01 23.57
CA HIS A 142 -15.26 -9.90 24.49
C HIS A 142 -16.62 -9.41 25.01
N GLN A 143 -17.63 -10.19 24.79
CA GLN A 143 -18.90 -9.85 25.34
C GLN A 143 -19.30 -8.48 24.99
N MET A 144 -19.64 -8.25 23.75
CA MET A 144 -20.06 -6.93 23.36
C MET A 144 -20.91 -6.79 22.15
N LYS A 145 -21.53 -7.84 21.65
CA LYS A 145 -22.34 -7.61 20.45
C LYS A 145 -23.68 -6.95 20.66
N HIS A 146 -24.17 -7.02 21.89
CA HIS A 146 -25.32 -6.18 22.17
C HIS A 146 -25.00 -4.71 22.42
N LYS A 147 -23.78 -4.39 22.78
CA LYS A 147 -23.51 -2.98 22.85
C LYS A 147 -23.38 -2.55 21.42
N LYS A 148 -23.88 -1.38 21.15
CA LYS A 148 -23.84 -0.92 19.82
C LYS A 148 -22.68 0.03 19.74
N LEU A 149 -21.61 -0.45 19.13
CA LEU A 149 -20.41 0.37 18.93
C LEU A 149 -20.51 1.06 17.58
N PRO A 150 -20.06 2.34 17.51
CA PRO A 150 -19.89 2.92 16.18
C PRO A 150 -18.75 2.17 15.50
N LEU A 151 -18.93 1.91 14.22
CA LEU A 151 -17.97 1.10 13.50
C LEU A 151 -17.30 1.91 12.39
N GLY A 152 -15.98 1.82 12.37
CA GLY A 152 -15.15 2.43 11.34
C GLY A 152 -14.54 1.33 10.51
N PHE A 153 -14.63 1.47 9.20
CA PHE A 153 -14.23 0.42 8.32
C PHE A 153 -13.07 0.93 7.51
N THR A 154 -11.87 0.44 7.82
CA THR A 154 -10.73 0.70 6.96
C THR A 154 -10.83 -0.30 5.82
N PHE A 155 -11.03 0.19 4.62
CA PHE A 155 -11.27 -0.65 3.48
C PHE A 155 -10.31 -0.16 2.42
N SER A 156 -9.29 -0.96 2.18
CA SER A 156 -8.12 -0.46 1.48
C SER A 156 -8.15 -0.76 -0.01
N PHE A 157 -9.15 -0.18 -0.66
CA PHE A 157 -9.39 -0.32 -2.10
C PHE A 157 -9.98 0.98 -2.60
N PRO A 158 -9.86 1.24 -3.90
CA PRO A 158 -10.37 2.51 -4.40
C PRO A 158 -11.88 2.61 -4.30
N VAL A 159 -12.35 3.66 -3.63
CA VAL A 159 -13.76 3.87 -3.42
C VAL A 159 -14.11 5.29 -3.87
N ARG A 160 -15.18 5.41 -4.62
CA ARG A 160 -15.74 6.72 -4.92
CA ARG A 160 -15.73 6.73 -4.91
C ARG A 160 -16.77 7.04 -3.85
N HIS A 161 -16.40 7.97 -2.97
CA HIS A 161 -17.27 8.38 -1.88
C HIS A 161 -18.33 9.38 -2.26
N GLU A 162 -19.48 9.19 -1.65
CA GLU A 162 -20.54 10.20 -1.64
C GLU A 162 -20.50 10.93 -0.29
N ASP A 163 -20.01 10.22 0.74
CA ASP A 163 -19.83 10.80 2.05
C ASP A 163 -18.84 9.92 2.82
N ILE A 164 -18.57 10.28 4.06
CA ILE A 164 -17.65 9.54 4.90
C ILE A 164 -18.09 8.10 5.10
N ASP A 165 -19.40 7.84 4.97
CA ASP A 165 -19.96 6.53 5.29
C ASP A 165 -20.65 5.89 4.10
N LYS A 166 -20.33 6.35 2.90
CA LYS A 166 -20.99 5.86 1.70
C LYS A 166 -20.05 6.01 0.52
N GLY A 167 -19.82 4.90 -0.15
CA GLY A 167 -18.98 4.93 -1.33
C GLY A 167 -18.93 3.60 -2.04
N ILE A 168 -18.80 3.70 -3.36
CA ILE A 168 -18.78 2.53 -4.20
C ILE A 168 -17.37 2.04 -4.48
N LEU A 169 -17.20 0.73 -4.42
CA LEU A 169 -15.94 0.15 -4.81
C LEU A 169 -15.76 0.38 -6.32
N LEU A 170 -14.64 0.99 -6.67
CA LEU A 170 -14.36 1.19 -8.09
C LEU A 170 -13.82 -0.07 -8.70
N ASN A 171 -12.82 -0.68 -8.06
CA ASN A 171 -12.34 -1.98 -8.47
C ASN A 171 -11.49 -2.56 -7.39
N TRP A 172 -11.50 -3.88 -7.34
CA TRP A 172 -10.63 -4.57 -6.42
C TRP A 172 -9.22 -4.36 -6.91
N THR A 173 -8.28 -4.50 -5.99
CA THR A 173 -6.87 -4.49 -6.28
C THR A 173 -6.25 -5.56 -5.39
N LYS A 174 -4.95 -5.81 -5.55
CA LYS A 174 -4.19 -6.70 -4.67
C LYS A 174 -4.71 -8.13 -4.67
N GLY A 175 -5.29 -8.57 -5.77
CA GLY A 175 -5.70 -9.96 -5.83
C GLY A 175 -7.11 -10.24 -5.39
N PHE A 176 -7.77 -9.26 -4.78
CA PHE A 176 -9.18 -9.44 -4.44
C PHE A 176 -9.99 -9.51 -5.72
N LYS A 177 -11.02 -10.35 -5.71
CA LYS A 177 -11.80 -10.59 -6.93
C LYS A 177 -13.27 -10.83 -6.70
N ALA A 178 -13.73 -10.65 -5.46
CA ALA A 178 -15.09 -11.05 -5.07
C ALA A 178 -16.15 -10.38 -5.95
N SER A 179 -16.95 -11.20 -6.62
CA SER A 179 -17.95 -10.68 -7.56
C SER A 179 -19.08 -9.96 -6.84
N GLY A 180 -19.77 -9.06 -7.55
CA GLY A 180 -20.90 -8.37 -6.93
C GLY A 180 -20.53 -7.29 -5.92
N ALA A 181 -19.29 -6.81 -5.98
CA ALA A 181 -18.84 -5.75 -5.10
C ALA A 181 -18.58 -4.47 -5.87
N GLU A 182 -17.87 -4.59 -6.98
CA GLU A 182 -17.51 -3.41 -7.76
C GLU A 182 -18.77 -2.70 -8.23
N GLY A 183 -18.79 -1.40 -8.03
CA GLY A 183 -19.96 -0.59 -8.39
C GLY A 183 -20.98 -0.49 -7.28
N ASN A 184 -20.76 -1.21 -6.18
CA ASN A 184 -21.74 -1.19 -5.08
C ASN A 184 -21.21 -0.43 -3.88
N ASN A 185 -22.14 0.06 -3.07
CA ASN A 185 -21.80 0.75 -1.84
C ASN A 185 -21.22 -0.26 -0.85
N VAL A 186 -19.95 -0.07 -0.54
CA VAL A 186 -19.23 -1.02 0.31
C VAL A 186 -19.80 -1.05 1.71
N VAL A 187 -20.18 0.10 2.23
CA VAL A 187 -20.84 0.12 3.53
C VAL A 187 -22.17 -0.64 3.50
N GLY A 188 -22.89 -0.52 2.39
CA GLY A 188 -24.11 -1.28 2.17
C GLY A 188 -23.84 -2.78 2.17
N LEU A 189 -22.74 -3.20 1.55
CA LEU A 189 -22.40 -4.63 1.53
C LEU A 189 -22.15 -5.16 2.93
N LEU A 190 -21.44 -4.35 3.70
CA LEU A 190 -21.14 -4.71 5.07
C LEU A 190 -22.42 -4.76 5.87
N ARG A 191 -23.21 -3.68 5.78
CA ARG A 191 -24.47 -3.62 6.52
C ARG A 191 -25.40 -4.78 6.15
N ASP A 192 -25.48 -5.10 4.85
CA ASP A 192 -26.35 -6.20 4.40
C ASP A 192 -25.90 -7.51 5.02
N ALA A 193 -24.59 -7.74 5.06
CA ALA A 193 -24.06 -9.00 5.59
C ALA A 193 -24.32 -9.12 7.08
N ILE A 194 -24.14 -8.01 7.80
CA ILE A 194 -24.41 -8.00 9.25
C ILE A 194 -25.89 -8.34 9.48
N LYS A 195 -26.75 -7.76 8.65
CA LYS A 195 -28.19 -8.01 8.73
C LYS A 195 -28.54 -9.45 8.40
N ARG A 196 -27.87 -9.98 7.29
CA ARG A 196 -28.14 -11.35 6.98
C ARG A 196 -27.68 -12.29 8.09
N ARG A 197 -26.89 -11.99 9.03
CA ARG A 197 -26.45 -12.82 10.10
C ARG A 197 -27.38 -12.55 11.24
N GLY A 198 -27.49 -11.27 11.61
CA GLY A 198 -28.48 -10.81 12.59
C GLY A 198 -28.20 -11.12 14.05
N ASP A 199 -26.94 -11.39 14.41
CA ASP A 199 -26.64 -11.68 15.82
C ASP A 199 -25.81 -10.57 16.50
N PHE A 200 -25.65 -9.46 15.80
CA PHE A 200 -25.13 -8.23 16.40
C PHE A 200 -25.54 -7.03 15.56
N GLU A 201 -25.53 -5.85 16.17
CA GLU A 201 -25.84 -4.62 15.46
C GLU A 201 -24.69 -3.64 15.62
N MET A 202 -24.35 -2.97 14.52
CA MET A 202 -23.30 -1.96 14.50
C MET A 202 -23.72 -0.77 13.64
N ASP A 203 -23.40 0.42 14.13
CA ASP A 203 -23.62 1.65 13.38
C ASP A 203 -22.34 1.93 12.59
N VAL A 204 -22.34 1.63 11.29
CA VAL A 204 -21.17 1.91 10.45
C VAL A 204 -21.17 3.40 10.15
N VAL A 205 -20.21 4.12 10.73
CA VAL A 205 -20.22 5.57 10.64
C VAL A 205 -19.14 6.12 9.72
N ALA A 206 -18.15 5.32 9.36
CA ALA A 206 -17.09 5.83 8.52
C ALA A 206 -16.45 4.68 7.78
N MET A 207 -16.04 4.99 6.57
CA MET A 207 -15.22 4.09 5.80
C MET A 207 -14.06 4.90 5.29
N VAL A 208 -12.85 4.41 5.52
CA VAL A 208 -11.65 5.12 5.14
C VAL A 208 -10.65 4.18 4.52
N ASN A 209 -9.84 4.71 3.65
CA ASN A 209 -8.74 3.97 3.09
C ASN A 209 -7.65 3.78 4.14
N ASP A 210 -6.81 2.77 3.96
CA ASP A 210 -5.75 2.60 4.93
C ASP A 210 -4.76 3.75 4.97
N THR A 211 -4.52 4.39 3.83
CA THR A 211 -3.64 5.56 3.85
C THR A 211 -4.16 6.62 4.81
N VAL A 212 -5.47 6.83 4.76
CA VAL A 212 -6.14 7.88 5.49
C VAL A 212 -6.11 7.52 6.96
N ALA A 213 -6.41 6.25 7.26
CA ALA A 213 -6.36 5.81 8.66
C ALA A 213 -4.96 6.00 9.23
N THR A 214 -3.96 5.66 8.44
CA THR A 214 -2.56 5.82 8.87
C THR A 214 -2.24 7.29 9.14
N MET A 215 -2.60 8.15 8.20
CA MET A 215 -2.36 9.56 8.36
C MET A 215 -3.01 10.06 9.64
N ILE A 216 -4.30 9.74 9.81
CA ILE A 216 -5.04 10.27 10.98
C ILE A 216 -4.46 9.76 12.30
N SER A 217 -4.05 8.49 12.32
CA SER A 217 -3.49 7.92 13.56
C SER A 217 -2.21 8.66 14.00
N CYS A 218 -1.50 9.24 13.04
CA CYS A 218 -0.25 9.95 13.33
C CYS A 218 -0.43 11.41 13.72
N TYR A 219 -1.62 11.96 13.41
CA TYR A 219 -1.92 13.36 13.65
C TYR A 219 -1.77 13.82 15.10
N TYR A 220 -2.25 13.04 16.06
CA TYR A 220 -2.33 13.53 17.43
C TYR A 220 -0.95 13.64 18.12
N GLU A 221 -0.05 12.74 17.69
CA GLU A 221 1.38 12.77 18.03
C GLU A 221 2.12 13.82 17.21
N ASP A 222 1.65 14.06 15.99
CA ASP A 222 2.28 15.05 15.13
C ASP A 222 1.26 15.74 14.24
N HIS A 223 0.83 16.92 14.67
CA HIS A 223 -0.20 17.68 13.96
C HIS A 223 0.20 18.08 12.54
N GLN A 224 1.49 18.00 12.25
CA GLN A 224 1.97 18.31 10.91
C GLN A 224 1.85 17.13 9.96
N CYS A 225 1.34 16.00 10.45
CA CYS A 225 1.14 14.85 9.56
C CYS A 225 -0.09 15.06 8.70
N GLU A 226 0.14 15.28 7.40
CA GLU A 226 -0.94 15.53 6.45
C GLU A 226 -0.74 14.69 5.20
N VAL A 227 0.05 13.63 5.33
CA VAL A 227 0.24 12.66 4.27
C VAL A 227 0.24 11.29 4.92
N GLY A 228 -0.50 10.35 4.32
CA GLY A 228 -0.43 8.94 4.74
C GLY A 228 0.06 8.13 3.57
N MET A 229 0.97 7.20 3.84
CA MET A 229 1.49 6.34 2.78
C MET A 229 1.52 4.92 3.26
N ILE A 230 1.12 4.03 2.37
CA ILE A 230 1.20 2.59 2.67
C ILE A 230 2.16 1.99 1.67
N VAL A 231 3.13 1.23 2.17
CA VAL A 231 3.99 0.43 1.30
C VAL A 231 3.97 -0.94 1.95
N GLY A 232 2.94 -1.70 1.61
CA GLY A 232 2.71 -3.00 2.23
C GLY A 232 2.48 -3.94 1.10
N THR A 233 1.39 -4.69 1.16
CA THR A 233 0.98 -5.52 0.05
C THR A 233 0.82 -4.68 -1.21
N GLY A 234 0.13 -3.56 -1.03
CA GLY A 234 -0.02 -2.56 -2.07
C GLY A 234 0.72 -1.29 -1.70
N CYS A 235 0.57 -0.28 -2.55
CA CYS A 235 1.26 0.99 -2.33
C CYS A 235 0.35 2.11 -2.74
N ASN A 236 0.17 3.07 -1.84
CA ASN A 236 -0.75 4.17 -2.08
C ASN A 236 -0.45 5.29 -1.11
N ALA A 237 -1.02 6.46 -1.38
CA ALA A 237 -0.87 7.60 -0.50
C ALA A 237 -2.08 8.46 -0.51
N CYS A 238 -2.29 9.14 0.60
CA CYS A 238 -3.31 10.17 0.67
C CYS A 238 -2.68 11.42 1.20
N TYR A 239 -3.36 12.54 1.02
CA TYR A 239 -2.79 13.79 1.54
C TYR A 239 -3.90 14.79 1.71
N MET A 240 -3.64 15.80 2.52
CA MET A 240 -4.63 16.84 2.73
C MET A 240 -4.58 17.88 1.62
N GLU A 241 -5.60 17.85 0.78
CA GLU A 241 -5.68 18.78 -0.33
C GLU A 241 -6.54 19.99 0.04
N GLU A 242 -6.27 21.12 -0.60
CA GLU A 242 -7.12 22.27 -0.42
C GLU A 242 -8.48 22.01 -1.05
N MET A 243 -9.56 22.29 -0.32
CA MET A 243 -10.86 22.06 -0.87
C MET A 243 -11.07 22.74 -2.23
N GLN A 244 -10.45 23.89 -2.43
CA GLN A 244 -10.59 24.58 -3.70
C GLN A 244 -10.06 23.80 -4.90
N ASN A 245 -9.17 22.85 -4.62
CA ASN A 245 -8.57 22.04 -5.66
C ASN A 245 -9.32 20.74 -5.86
N VAL A 246 -10.21 20.41 -4.92
CA VAL A 246 -10.98 19.17 -5.02
C VAL A 246 -12.25 19.50 -5.78
N GLU A 247 -12.16 19.47 -7.10
CA GLU A 247 -13.28 19.90 -7.92
C GLU A 247 -14.47 18.96 -7.81
N LEU A 248 -14.22 17.74 -7.33
CA LEU A 248 -15.28 16.73 -7.25
CA LEU A 248 -15.28 16.74 -7.25
C LEU A 248 -16.19 16.90 -6.03
N VAL A 249 -15.86 17.82 -5.13
CA VAL A 249 -16.69 18.07 -3.95
C VAL A 249 -17.02 19.55 -3.89
N GLU A 250 -18.23 19.89 -3.44
CA GLU A 250 -18.66 21.27 -3.31
C GLU A 250 -17.94 21.93 -2.14
N GLY A 251 -17.50 23.18 -2.36
CA GLY A 251 -16.93 24.00 -1.30
C GLY A 251 -15.45 24.25 -1.51
N ASP A 252 -15.01 25.45 -1.12
CA ASP A 252 -13.62 25.88 -1.30
C ASP A 252 -12.86 26.10 0.01
N GLU A 253 -13.50 25.89 1.14
CA GLU A 253 -12.88 26.22 2.41
C GLU A 253 -12.29 24.98 3.08
N GLY A 254 -11.09 25.14 3.62
CA GLY A 254 -10.43 24.07 4.38
C GLY A 254 -9.79 23.04 3.49
N ARG A 255 -9.59 21.87 4.07
CA ARG A 255 -8.87 20.80 3.40
C ARG A 255 -9.67 19.53 3.51
N MET A 256 -9.42 18.63 2.56
CA MET A 256 -9.99 17.30 2.59
C MET A 256 -8.91 16.34 2.19
N CYS A 257 -8.91 15.19 2.83
CA CYS A 257 -7.96 14.20 2.48
C CYS A 257 -8.37 13.63 1.12
N VAL A 258 -7.38 13.47 0.26
CA VAL A 258 -7.56 12.86 -1.05
C VAL A 258 -6.77 11.56 -1.09
N ASN A 259 -7.45 10.52 -1.50
CA ASN A 259 -6.84 9.20 -1.69
C ASN A 259 -6.33 9.13 -3.11
N THR A 260 -5.01 9.22 -3.28
CA THR A 260 -4.51 9.34 -4.66
C THR A 260 -4.83 8.14 -5.50
N GLU A 261 -4.84 6.95 -4.89
CA GLU A 261 -4.82 5.71 -5.62
C GLU A 261 -3.70 5.72 -6.65
N TRP A 262 -2.53 6.12 -6.20
CA TRP A 262 -1.43 6.22 -7.14
C TRP A 262 -0.92 4.90 -7.69
N GLY A 263 -1.39 3.81 -7.10
CA GLY A 263 -0.98 2.49 -7.58
C GLY A 263 -1.33 2.29 -9.05
N ALA A 264 -2.36 3.01 -9.51
CA ALA A 264 -2.85 2.86 -10.88
C ALA A 264 -2.10 3.76 -11.84
N PHE A 265 -1.20 4.60 -11.34
CA PHE A 265 -0.31 5.31 -12.22
C PHE A 265 0.38 4.33 -13.16
N GLY A 266 0.53 4.72 -14.42
CA GLY A 266 1.08 3.83 -15.42
C GLY A 266 0.01 3.05 -16.17
N ASP A 267 -1.21 3.00 -15.64
CA ASP A 267 -2.24 2.19 -16.27
C ASP A 267 -2.65 2.72 -17.64
N SER A 268 -2.32 3.96 -17.91
CA SER A 268 -2.56 4.56 -19.23
C SER A 268 -1.26 4.76 -20.01
N GLY A 269 -0.20 4.08 -19.61
CA GLY A 269 1.06 4.07 -20.37
C GLY A 269 2.16 4.96 -19.81
N GLU A 270 1.90 5.60 -18.67
CA GLU A 270 2.83 6.60 -18.13
C GLU A 270 4.18 6.04 -17.66
N LEU A 271 4.26 4.72 -17.51
CA LEU A 271 5.49 4.06 -17.05
C LEU A 271 6.11 3.19 -18.13
N ASP A 272 5.55 3.24 -19.33
CA ASP A 272 5.91 2.21 -20.31
C ASP A 272 7.41 2.08 -20.56
N GLU A 273 8.10 3.20 -20.66
CA GLU A 273 9.53 3.17 -20.94
C GLU A 273 10.37 2.56 -19.81
N PHE A 274 9.75 2.38 -18.64
CA PHE A 274 10.46 1.86 -17.48
C PHE A 274 10.14 0.41 -17.17
N LEU A 275 9.05 -0.10 -17.74
CA LEU A 275 8.61 -1.45 -17.45
C LEU A 275 9.54 -2.44 -18.09
N LEU A 276 9.92 -3.46 -17.33
CA LEU A 276 10.83 -4.48 -17.78
C LEU A 276 10.07 -5.76 -18.07
N GLU A 277 10.74 -6.73 -18.69
CA GLU A 277 10.12 -8.02 -18.93
C GLU A 277 9.50 -8.62 -17.68
N TYR A 278 10.18 -8.44 -16.55
CA TYR A 278 9.71 -8.99 -15.29
C TYR A 278 8.39 -8.38 -14.88
N ASP A 279 8.27 -7.08 -15.11
CA ASP A 279 7.06 -6.34 -14.77
C ASP A 279 5.92 -6.82 -15.63
N ARG A 280 6.21 -7.05 -16.90
CA ARG A 280 5.18 -7.57 -17.81
C ARG A 280 4.69 -8.94 -17.33
N LEU A 281 5.63 -9.78 -16.91
CA LEU A 281 5.29 -11.12 -16.46
C LEU A 281 4.46 -11.07 -15.18
N VAL A 282 4.88 -10.28 -14.22
CA VAL A 282 4.11 -10.11 -12.99
C VAL A 282 2.70 -9.66 -13.31
N ASP A 283 2.62 -8.67 -14.21
CA ASP A 283 1.32 -8.09 -14.52
C ASP A 283 0.44 -9.14 -15.17
N GLU A 284 1.00 -9.83 -16.14
CA GLU A 284 0.20 -10.76 -16.91
C GLU A 284 -0.28 -11.95 -16.06
N SER A 285 0.49 -12.30 -15.03
CA SER A 285 0.08 -13.40 -14.16
C SER A 285 -0.79 -12.95 -12.97
N SER A 286 -1.04 -11.65 -12.85
CA SER A 286 -1.76 -11.12 -11.72
C SER A 286 -3.26 -11.25 -11.91
N ALA A 287 -3.99 -10.96 -10.83
CA ALA A 287 -5.44 -11.00 -10.84
C ALA A 287 -6.04 -9.82 -11.59
N ASN A 288 -5.24 -8.77 -11.79
CA ASN A 288 -5.71 -7.53 -12.39
C ASN A 288 -4.74 -7.09 -13.46
N PRO A 289 -4.58 -7.90 -14.53
CA PRO A 289 -3.64 -7.54 -15.57
C PRO A 289 -3.98 -6.18 -16.17
N GLY A 290 -2.93 -5.38 -16.33
CA GLY A 290 -3.04 -4.07 -16.94
C GLY A 290 -3.37 -3.01 -15.92
N GLN A 291 -3.60 -3.43 -14.67
CA GLN A 291 -3.98 -2.45 -13.64
C GLN A 291 -2.97 -2.37 -12.52
N GLN A 292 -2.94 -1.24 -11.83
CA GLN A 292 -2.08 -1.07 -10.69
C GLN A 292 -0.61 -1.22 -11.05
N LEU A 293 -0.23 -0.70 -12.20
CA LEU A 293 1.13 -0.95 -12.71
C LEU A 293 2.21 -0.30 -11.84
N TYR A 294 1.94 0.88 -11.30
CA TYR A 294 2.94 1.53 -10.45
C TYR A 294 3.07 0.72 -9.17
N GLU A 295 1.93 0.33 -8.60
CA GLU A 295 1.97 -0.48 -7.41
C GLU A 295 2.71 -1.77 -7.66
N LYS A 296 2.59 -2.33 -8.86
CA LYS A 296 3.28 -3.60 -9.10
C LYS A 296 4.80 -3.47 -9.17
N LEU A 297 5.30 -2.24 -9.24
CA LEU A 297 6.76 -2.01 -9.14
C LEU A 297 7.27 -1.93 -7.71
N ILE A 298 6.34 -1.82 -6.75
CA ILE A 298 6.68 -1.46 -5.39
C ILE A 298 6.09 -2.40 -4.35
N GLY A 299 4.82 -2.77 -4.53
CA GLY A 299 4.11 -3.45 -3.44
C GLY A 299 4.68 -4.80 -3.09
N GLY A 300 4.51 -5.18 -1.83
CA GLY A 300 4.95 -6.49 -1.34
C GLY A 300 4.20 -7.63 -1.97
N LYS A 301 3.01 -7.40 -2.53
CA LYS A 301 2.35 -8.49 -3.24
C LYS A 301 3.20 -8.97 -4.41
N TYR A 302 4.02 -8.06 -4.94
CA TYR A 302 4.65 -8.28 -6.23
C TYR A 302 6.16 -8.33 -6.13
N MET A 303 6.73 -7.76 -5.08
CA MET A 303 8.18 -7.62 -5.05
C MET A 303 8.92 -8.95 -5.09
N GLY A 304 8.50 -9.90 -4.27
CA GLY A 304 9.15 -11.21 -4.23
C GLY A 304 9.03 -11.88 -5.58
N GLU A 305 7.88 -11.73 -6.21
CA GLU A 305 7.67 -12.37 -7.50
C GLU A 305 8.59 -11.76 -8.55
N LEU A 306 8.80 -10.44 -8.51
CA LEU A 306 9.77 -9.81 -9.39
C LEU A 306 11.14 -10.43 -9.20
N VAL A 307 11.57 -10.59 -7.94
CA VAL A 307 12.85 -11.22 -7.66
C VAL A 307 12.89 -12.63 -8.23
N ARG A 308 11.81 -13.38 -8.02
CA ARG A 308 11.77 -14.77 -8.49
C ARG A 308 12.01 -14.78 -10.00
N LEU A 309 11.36 -13.88 -10.73
CA LEU A 309 11.48 -13.86 -12.19
C LEU A 309 12.87 -13.42 -12.61
N VAL A 310 13.46 -12.52 -11.84
CA VAL A 310 14.85 -12.13 -12.10
C VAL A 310 15.75 -13.37 -11.92
N LEU A 311 15.53 -14.10 -10.84
CA LEU A 311 16.35 -15.27 -10.62
C LEU A 311 16.18 -16.29 -11.74
N LEU A 312 14.95 -16.47 -12.21
CA LEU A 312 14.72 -17.43 -13.27
C LEU A 312 15.47 -17.02 -14.54
N ARG A 313 15.53 -15.71 -14.81
CA ARG A 313 16.30 -15.20 -15.93
C ARG A 313 17.77 -15.55 -15.74
N LEU A 314 18.29 -15.27 -14.55
CA LEU A 314 19.71 -15.57 -14.27
C LEU A 314 19.98 -17.06 -14.40
N VAL A 315 19.03 -17.89 -13.95
CA VAL A 315 19.14 -19.36 -14.09
C VAL A 315 19.17 -19.72 -15.58
N ASP A 316 18.26 -19.12 -16.34
CA ASP A 316 18.23 -19.36 -17.79
C ASP A 316 19.52 -18.97 -18.49
N GLU A 317 20.24 -17.97 -17.96
CA GLU A 317 21.48 -17.52 -18.59
C GLU A 317 22.68 -18.29 -18.05
N ASN A 318 22.40 -19.34 -17.28
CA ASN A 318 23.45 -20.15 -16.63
C ASN A 318 24.35 -19.33 -15.70
N LEU A 319 23.76 -18.33 -15.06
CA LEU A 319 24.51 -17.48 -14.15
C LEU A 319 24.24 -17.84 -12.70
N LEU A 320 23.24 -18.68 -12.47
CA LEU A 320 22.76 -18.96 -11.13
C LEU A 320 22.29 -20.41 -11.00
N PHE A 321 22.65 -21.04 -9.87
CA PHE A 321 22.19 -22.40 -9.51
C PHE A 321 22.49 -23.46 -10.55
N HIS A 322 23.64 -23.32 -11.20
CA HIS A 322 24.05 -24.24 -12.24
C HIS A 322 23.06 -24.25 -13.40
N GLY A 323 22.30 -23.17 -13.57
CA GLY A 323 21.30 -23.14 -14.62
C GLY A 323 20.14 -24.09 -14.38
N GLU A 324 19.95 -24.51 -13.13
CA GLU A 324 18.80 -25.37 -12.80
C GLU A 324 17.95 -24.74 -11.72
N ALA A 325 16.67 -24.54 -12.00
CA ALA A 325 15.74 -24.00 -11.01
C ALA A 325 14.92 -25.10 -10.39
N SER A 326 14.84 -25.08 -9.06
CA SER A 326 14.08 -26.08 -8.35
C SER A 326 12.60 -25.90 -8.65
N GLU A 327 11.84 -26.93 -8.33
CA GLU A 327 10.40 -26.88 -8.38
C GLU A 327 9.87 -25.64 -7.66
N GLN A 328 10.40 -25.41 -6.48
CA GLN A 328 9.92 -24.29 -5.70
C GLN A 328 10.28 -22.96 -6.31
N LEU A 329 11.46 -22.82 -6.80
CA LEU A 329 11.83 -21.57 -7.48
C LEU A 329 10.94 -21.31 -8.68
N ARG A 330 10.45 -22.39 -9.31
CA ARG A 330 9.53 -22.25 -10.44
C ARG A 330 8.07 -22.18 -10.05
N THR A 331 7.81 -22.00 -8.75
CA THR A 331 6.44 -21.92 -8.24
C THR A 331 6.07 -20.46 -8.06
N ARG A 332 4.93 -20.08 -8.61
CA ARG A 332 4.45 -18.70 -8.51
C ARG A 332 4.32 -18.33 -7.05
N GLY A 333 4.89 -17.19 -6.68
CA GLY A 333 4.76 -16.68 -5.33
C GLY A 333 5.74 -17.28 -4.34
N ALA A 334 6.58 -18.21 -4.77
CA ALA A 334 7.44 -18.91 -3.82
C ALA A 334 8.58 -18.07 -3.25
N PHE A 335 9.01 -17.04 -3.98
CA PHE A 335 9.99 -16.14 -3.40
C PHE A 335 9.19 -15.06 -2.73
N GLU A 336 8.98 -15.22 -1.43
CA GLU A 336 8.13 -14.32 -0.67
C GLU A 336 8.83 -12.98 -0.53
N THR A 337 8.05 -11.91 -0.49
CA THR A 337 8.65 -10.61 -0.30
C THR A 337 9.45 -10.56 0.99
N ARG A 338 8.99 -11.25 2.03
CA ARG A 338 9.78 -11.26 3.27
C ARG A 338 11.20 -11.82 3.04
N PHE A 339 11.37 -12.70 2.05
CA PHE A 339 12.69 -13.23 1.71
C PHE A 339 13.59 -12.17 1.13
N VAL A 340 13.01 -11.23 0.38
CA VAL A 340 13.78 -10.10 -0.12
C VAL A 340 14.37 -9.32 1.04
N SER A 341 13.51 -9.03 2.01
CA SER A 341 13.94 -8.35 3.24
C SER A 341 15.01 -9.17 3.96
N GLN A 342 14.77 -10.46 4.13
CA GLN A 342 15.69 -11.30 4.88
C GLN A 342 17.03 -11.42 4.16
N VAL A 343 16.99 -11.55 2.84
CA VAL A 343 18.21 -11.59 2.04
C VAL A 343 19.01 -10.30 2.23
N GLU A 344 18.32 -9.16 2.20
CA GLU A 344 19.02 -7.91 2.32
C GLU A 344 19.42 -7.61 3.76
N SER A 345 19.02 -8.47 4.68
CA SER A 345 19.39 -8.33 6.10
C SER A 345 20.64 -9.13 6.41
N ASP A 346 21.07 -9.94 5.44
CA ASP A 346 22.26 -10.79 5.61
C ASP A 346 23.47 -9.94 5.98
N THR A 347 24.25 -10.40 6.95
CA THR A 347 25.35 -9.61 7.51
C THR A 347 26.64 -9.69 6.68
N GLY A 348 26.66 -10.60 5.71
CA GLY A 348 27.81 -10.76 4.83
C GLY A 348 28.33 -12.18 4.78
N ASP A 349 27.93 -12.99 5.76
CA ASP A 349 28.38 -14.38 5.83
C ASP A 349 27.50 -15.30 5.01
N ARG A 350 26.50 -14.71 4.35
CA ARG A 350 25.57 -15.41 3.43
C ARG A 350 24.64 -16.41 4.09
N LYS A 351 24.64 -16.48 5.41
CA LYS A 351 23.88 -17.50 6.14
C LYS A 351 22.36 -17.42 5.97
N GLN A 352 21.79 -16.23 6.13
CA GLN A 352 20.35 -16.08 5.97
C GLN A 352 19.95 -16.40 4.54
N ILE A 353 20.77 -15.95 3.59
CA ILE A 353 20.51 -16.16 2.17
C ILE A 353 20.55 -17.65 1.88
N TYR A 354 21.61 -18.31 2.33
CA TYR A 354 21.73 -19.76 2.15
C TYR A 354 20.48 -20.48 2.64
N ASN A 355 20.01 -20.13 3.84
CA ASN A 355 18.86 -20.82 4.44
C ASN A 355 17.57 -20.70 3.62
N ILE A 356 17.28 -19.48 3.17
CA ILE A 356 16.14 -19.24 2.29
C ILE A 356 16.22 -20.09 1.04
N LEU A 357 17.39 -20.08 0.40
CA LEU A 357 17.56 -20.75 -0.88
C LEU A 357 17.57 -22.26 -0.72
N SER A 358 18.15 -22.73 0.38
CA SER A 358 18.14 -24.17 0.64
C SER A 358 16.71 -24.64 0.87
N THR A 359 15.94 -23.85 1.59
CA THR A 359 14.53 -24.15 1.86
C THR A 359 13.69 -24.14 0.57
N LEU A 360 14.13 -23.35 -0.40
CA LEU A 360 13.53 -23.35 -1.74
C LEU A 360 14.05 -24.49 -2.61
N GLY A 361 14.72 -25.47 -2.01
CA GLY A 361 15.16 -26.65 -2.74
C GLY A 361 16.37 -26.43 -3.63
N LEU A 362 17.12 -25.36 -3.35
CA LEU A 362 18.31 -25.03 -4.12
C LEU A 362 19.56 -25.45 -3.34
N ARG A 363 20.67 -25.52 -4.05
CA ARG A 363 21.96 -25.86 -3.44
C ARG A 363 22.94 -24.73 -3.73
N PRO A 364 22.74 -23.57 -3.07
CA PRO A 364 23.46 -22.40 -3.52
C PRO A 364 24.91 -22.31 -3.07
N SER A 365 25.75 -21.85 -3.98
CA SER A 365 27.11 -21.49 -3.67
C SER A 365 27.10 -20.10 -3.03
N THR A 366 28.27 -19.67 -2.56
CA THR A 366 28.46 -18.33 -2.05
C THR A 366 28.14 -17.29 -3.12
N THR A 367 28.53 -17.59 -4.35
CA THR A 367 28.33 -16.70 -5.49
C THR A 367 26.84 -16.62 -5.82
N ASP A 368 26.14 -17.76 -5.78
CA ASP A 368 24.68 -17.78 -5.94
C ASP A 368 24.03 -16.87 -4.91
N CYS A 369 24.42 -17.02 -3.65
CA CYS A 369 23.89 -16.16 -2.58
C CYS A 369 24.13 -14.68 -2.86
N ASP A 370 25.35 -14.33 -3.29
CA ASP A 370 25.67 -12.94 -3.58
C ASP A 370 24.82 -12.37 -4.72
N ILE A 371 24.60 -13.20 -5.73
CA ILE A 371 23.79 -12.82 -6.88
C ILE A 371 22.34 -12.64 -6.47
N VAL A 372 21.83 -13.54 -5.64
CA VAL A 372 20.45 -13.40 -5.15
C VAL A 372 20.34 -12.08 -4.38
N ARG A 373 21.35 -11.74 -3.58
CA ARG A 373 21.32 -10.49 -2.86
C ARG A 373 21.27 -9.31 -3.83
N ARG A 374 22.10 -9.35 -4.87
CA ARG A 374 22.06 -8.29 -5.86
C ARG A 374 20.71 -8.15 -6.55
N ALA A 375 20.07 -9.30 -6.82
CA ALA A 375 18.77 -9.27 -7.48
C ALA A 375 17.76 -8.63 -6.54
N CYS A 376 17.81 -9.02 -5.28
CA CYS A 376 16.90 -8.45 -4.30
C CYS A 376 17.13 -6.95 -4.20
N GLU A 377 18.40 -6.55 -4.09
CA GLU A 377 18.71 -5.13 -3.98
C GLU A 377 18.25 -4.37 -5.19
N SER A 378 18.36 -4.97 -6.36
CA SER A 378 17.99 -4.28 -7.57
C SER A 378 16.48 -4.01 -7.57
N VAL A 379 15.68 -5.03 -7.26
CA VAL A 379 14.25 -4.90 -7.25
C VAL A 379 13.80 -3.96 -6.14
N SER A 380 14.36 -4.11 -4.95
CA SER A 380 13.87 -3.28 -3.84
C SER A 380 14.33 -1.85 -3.94
N THR A 381 15.52 -1.62 -4.52
CA THR A 381 15.95 -0.27 -4.74
C THR A 381 15.07 0.42 -5.79
N ARG A 382 14.75 -0.29 -6.86
CA ARG A 382 13.87 0.30 -7.83
C ARG A 382 12.53 0.65 -7.19
N ALA A 383 11.98 -0.24 -6.37
CA ALA A 383 10.76 0.01 -5.64
C ALA A 383 10.86 1.27 -4.82
N ALA A 384 11.95 1.39 -4.05
CA ALA A 384 12.15 2.56 -3.22
C ALA A 384 12.20 3.83 -4.06
N HIS A 385 12.93 3.76 -5.15
CA HIS A 385 13.09 4.94 -5.98
C HIS A 385 11.82 5.31 -6.71
N MET A 386 11.12 4.33 -7.24
CA MET A 386 9.82 4.63 -7.87
C MET A 386 8.88 5.23 -6.83
N CYS A 387 8.83 4.63 -5.67
CA CYS A 387 7.92 5.10 -4.64
C CYS A 387 8.28 6.55 -4.28
N SER A 388 9.58 6.84 -4.26
CA SER A 388 10.02 8.18 -3.86
C SER A 388 9.48 9.23 -4.82
N ALA A 389 9.43 8.88 -6.11
CA ALA A 389 8.92 9.82 -7.11
C ALA A 389 7.46 10.16 -6.85
N GLY A 390 6.68 9.18 -6.41
CA GLY A 390 5.26 9.43 -6.08
C GLY A 390 5.15 10.35 -4.87
N LEU A 391 5.83 9.99 -3.79
CA LEU A 391 5.72 10.79 -2.59
C LEU A 391 6.25 12.20 -2.86
N ALA A 392 7.38 12.29 -3.55
CA ALA A 392 7.91 13.61 -3.85
C ALA A 392 6.92 14.42 -4.66
N GLY A 393 6.23 13.79 -5.60
CA GLY A 393 5.24 14.53 -6.40
C GLY A 393 4.14 15.09 -5.52
N VAL A 394 3.65 14.27 -4.59
CA VAL A 394 2.62 14.70 -3.67
C VAL A 394 3.11 15.87 -2.81
N ILE A 395 4.28 15.72 -2.18
CA ILE A 395 4.79 16.74 -1.29
C ILE A 395 5.10 18.03 -2.05
N ASN A 396 5.71 17.89 -3.22
CA ASN A 396 5.98 19.09 -4.03
C ASN A 396 4.71 19.81 -4.46
N ARG A 397 3.68 19.02 -4.79
CA ARG A 397 2.38 19.59 -5.11
C ARG A 397 1.81 20.34 -3.90
N MET A 398 1.90 19.76 -2.71
CA MET A 398 1.39 20.42 -1.51
C MET A 398 2.13 21.71 -1.22
N ARG A 399 3.37 21.68 -1.40
CA ARG A 399 4.13 22.90 -1.20
C ARG A 399 3.66 23.98 -2.12
N GLU A 400 3.56 23.65 -3.29
CA GLU A 400 3.11 24.64 -4.27
C GLU A 400 1.71 25.18 -3.93
N SER A 401 0.77 24.28 -3.65
CA SER A 401 -0.61 24.70 -3.32
C SER A 401 -0.64 25.62 -2.11
N ARG A 402 0.30 25.44 -1.21
CA ARG A 402 0.39 26.18 -0.02
C ARG A 402 1.34 27.43 -0.16
N SER A 403 1.43 28.21 0.91
CA SER A 403 1.99 29.58 0.97
C SER A 403 3.25 29.85 1.80
N GLU A 404 4.03 28.82 2.07
CA GLU A 404 5.32 28.92 2.70
C GLU A 404 6.40 28.41 1.69
N ASP A 405 7.61 28.92 1.81
CA ASP A 405 8.76 28.63 0.95
C ASP A 405 9.44 27.34 1.32
N VAL A 406 9.44 27.03 2.59
CA VAL A 406 9.92 25.74 3.05
C VAL A 406 8.72 25.06 3.65
N MET A 407 8.37 23.90 3.13
CA MET A 407 7.29 23.17 3.75
C MET A 407 7.82 22.10 4.68
N ARG A 408 7.37 22.17 5.93
CA ARG A 408 7.70 21.17 6.91
C ARG A 408 6.46 20.35 7.06
N ILE A 409 6.60 19.08 6.74
CA ILE A 409 5.44 18.23 6.76
C ILE A 409 5.83 16.87 7.28
N THR A 410 4.86 16.16 7.85
CA THR A 410 5.11 14.81 8.33
C THR A 410 4.28 13.85 7.50
N VAL A 411 4.93 12.75 7.16
CA VAL A 411 4.30 11.64 6.44
C VAL A 411 4.19 10.45 7.38
N GLY A 412 2.95 9.98 7.55
CA GLY A 412 2.69 8.77 8.35
C GLY A 412 2.72 7.60 7.41
N VAL A 413 3.41 6.54 7.82
CA VAL A 413 3.65 5.42 6.94
C VAL A 413 3.35 4.13 7.62
N ASP A 414 2.73 3.24 6.88
CA ASP A 414 2.58 1.87 7.38
C ASP A 414 2.89 0.94 6.21
N GLY A 415 3.01 -0.34 6.50
CA GLY A 415 3.17 -1.37 5.50
C GLY A 415 4.46 -2.14 5.71
N SER A 416 4.40 -3.44 5.49
CA SER A 416 5.56 -4.31 5.77
C SER A 416 6.79 -4.01 4.93
N VAL A 417 6.60 -3.53 3.71
CA VAL A 417 7.79 -3.23 2.92
C VAL A 417 8.54 -2.07 3.57
N TYR A 418 7.86 -0.97 3.80
CA TYR A 418 8.52 0.16 4.43
C TYR A 418 9.03 -0.20 5.82
N LYS A 419 8.22 -0.90 6.60
CA LYS A 419 8.59 -1.11 8.00
C LYS A 419 9.67 -2.17 8.19
N LEU A 420 9.60 -3.24 7.41
CA LEU A 420 10.43 -4.42 7.71
C LEU A 420 11.62 -4.60 6.80
N HIS A 421 11.58 -3.99 5.62
CA HIS A 421 12.70 -4.17 4.74
C HIS A 421 13.92 -3.44 5.32
N PRO A 422 15.08 -4.12 5.36
CA PRO A 422 16.22 -3.50 6.06
C PRO A 422 16.73 -2.19 5.45
N SER A 423 16.41 -1.91 4.19
CA SER A 423 17.07 -0.81 3.48
C SER A 423 16.15 0.03 2.62
N PHE A 424 14.94 -0.46 2.37
CA PHE A 424 13.99 0.27 1.54
C PHE A 424 13.80 1.68 2.05
N LYS A 425 13.48 1.80 3.34
CA LYS A 425 13.23 3.07 4.03
C LYS A 425 14.34 4.08 3.77
N GLU A 426 15.57 3.62 3.96
CA GLU A 426 16.73 4.49 3.84
C GLU A 426 16.89 4.98 2.40
N ARG A 427 16.72 4.07 1.44
CA ARG A 427 16.86 4.43 0.04
C ARG A 427 15.71 5.34 -0.36
N PHE A 428 14.54 4.99 0.12
CA PHE A 428 13.37 5.78 -0.17
C PHE A 428 13.48 7.20 0.38
N HIS A 429 13.85 7.33 1.65
CA HIS A 429 13.96 8.66 2.21
C HIS A 429 14.97 9.49 1.46
N ALA A 430 16.11 8.88 1.15
CA ALA A 430 17.19 9.62 0.49
C ALA A 430 16.71 10.13 -0.85
N SER A 431 15.98 9.29 -1.58
CA SER A 431 15.53 9.67 -2.90
C SER A 431 14.43 10.74 -2.80
N VAL A 432 13.50 10.59 -1.86
CA VAL A 432 12.48 11.60 -1.68
C VAL A 432 13.14 12.94 -1.40
N ARG A 433 14.14 12.94 -0.54
CA ARG A 433 14.76 14.20 -0.16
C ARG A 433 15.47 14.83 -1.33
N ARG A 434 16.08 14.03 -2.20
CA ARG A 434 16.74 14.60 -3.39
C ARG A 434 15.69 15.26 -4.26
N LEU A 435 14.46 14.76 -4.20
CA LEU A 435 13.41 15.23 -5.09
C LEU A 435 12.58 16.35 -4.51
N THR A 436 12.84 16.70 -3.23
CA THR A 436 12.00 17.67 -2.53
C THR A 436 12.84 18.75 -1.85
N PRO A 437 13.64 19.48 -2.63
CA PRO A 437 14.27 20.65 -2.06
C PRO A 437 13.20 21.60 -1.49
N SER A 438 13.54 22.29 -0.41
CA SER A 438 12.62 23.26 0.19
C SER A 438 11.45 22.60 0.89
N CYS A 439 11.57 21.29 1.11
CA CYS A 439 10.70 20.57 2.03
C CYS A 439 11.53 19.92 3.11
N GLU A 440 11.01 19.95 4.33
CA GLU A 440 11.56 19.20 5.43
C GLU A 440 10.53 18.17 5.80
N ILE A 441 10.85 16.93 5.49
CA ILE A 441 9.87 15.87 5.60
C ILE A 441 10.26 14.94 6.73
N THR A 442 9.36 14.84 7.70
CA THR A 442 9.49 13.92 8.79
C THR A 442 8.66 12.70 8.47
N PHE A 443 9.26 11.52 8.64
CA PHE A 443 8.55 10.27 8.45
C PHE A 443 8.27 9.64 9.79
N ILE A 444 7.02 9.25 10.02
CA ILE A 444 6.65 8.57 11.25
C ILE A 444 5.98 7.27 10.85
N GLU A 445 6.32 6.20 11.53
CA GLU A 445 5.64 4.92 11.30
C GLU A 445 4.42 4.89 12.17
N SER A 446 3.27 4.52 11.59
CA SER A 446 2.07 4.49 12.40
C SER A 446 2.09 3.30 13.33
N GLU A 447 1.42 3.46 14.46
CA GLU A 447 1.28 2.40 15.44
C GLU A 447 -0.21 2.07 15.50
N GLU A 448 -0.55 0.84 15.12
CA GLU A 448 -1.95 0.42 14.98
C GLU A 448 -2.79 1.45 14.22
N GLY A 449 -2.21 1.94 13.12
CA GLY A 449 -2.75 3.07 12.35
C GLY A 449 -4.13 2.84 11.79
N SER A 450 -4.35 1.66 11.21
CA SER A 450 -5.65 1.37 10.61
C SER A 450 -6.73 1.45 11.66
N GLY A 451 -6.56 0.72 12.76
CA GLY A 451 -7.58 0.64 13.80
C GLY A 451 -7.78 1.95 14.53
N ARG A 452 -6.69 2.61 14.88
CA ARG A 452 -6.81 3.85 15.65
C ARG A 452 -7.29 4.98 14.76
N GLY A 453 -6.75 5.07 13.55
CA GLY A 453 -7.22 6.05 12.58
C GLY A 453 -8.70 5.91 12.24
N ALA A 454 -9.16 4.69 11.96
CA ALA A 454 -10.59 4.50 11.69
C ALA A 454 -11.46 4.92 12.87
N ALA A 455 -11.06 4.56 14.09
CA ALA A 455 -11.76 4.97 15.31
C ALA A 455 -11.82 6.50 15.46
N LEU A 456 -10.69 7.16 15.18
CA LEU A 456 -10.61 8.60 15.35
C LEU A 456 -11.51 9.31 14.36
N VAL A 457 -11.54 8.82 13.13
CA VAL A 457 -12.48 9.36 12.15
C VAL A 457 -13.90 9.07 12.60
N SER A 458 -14.17 7.84 13.03
CA SER A 458 -15.49 7.44 13.47
C SER A 458 -15.96 8.31 14.63
N ALA A 459 -15.03 8.66 15.51
CA ALA A 459 -15.39 9.41 16.72
C ALA A 459 -15.84 10.83 16.37
N VAL A 460 -15.39 11.32 15.22
CA VAL A 460 -15.88 12.58 14.67
C VAL A 460 -17.14 12.36 13.81
N ALA A 461 -17.10 11.34 12.96
CA ALA A 461 -18.21 11.03 12.05
C ALA A 461 -19.52 10.72 12.76
N CYS A 462 -19.45 9.94 13.83
CA CYS A 462 -20.66 9.49 14.53
C CYS A 462 -21.39 10.65 15.20
N LYS A 463 -20.88 11.84 15.19
CA LYS A 463 -21.73 12.93 15.59
C LYS A 463 -22.82 13.21 14.55
C1 GLC B . -3.93 -0.66 -3.14
C2 GLC B . -5.37 -0.16 -2.94
C3 GLC B . -5.34 1.12 -2.10
C4 GLC B . -4.57 0.88 -0.79
C5 GLC B . -3.23 0.23 -1.08
C6 GLC B . -2.47 -0.10 0.18
O1 GLC B . -3.17 0.28 -3.85
O2 GLC B . -5.94 0.12 -4.17
O3 GLC B . -6.65 1.51 -1.77
O4 GLC B . -4.42 2.11 -0.09
O5 GLC B . -3.37 -0.95 -1.88
O6 GLC B . -3.18 -1.07 0.94
S1 MRK C . -14.65 12.84 10.15
C2 MRK C . -15.92 13.26 9.04
C3 MRK C . -15.52 14.30 8.21
N4 MRK C . -14.26 14.76 8.45
C5 MRK C . -13.68 14.08 9.43
N6 MRK C . -12.42 14.38 9.82
C7 MRK C . -11.80 13.72 10.79
O8 MRK C . -12.36 12.86 11.44
C9 MRK C . -9.75 13.67 12.25
C10 MRK C . -10.37 13.99 11.04
C11 MRK C . -9.63 14.57 10.00
C12 MRK C . -8.29 14.85 10.16
C13 MRK C . -7.67 14.53 11.37
F14 MRK C . -6.36 14.78 11.57
C15 MRK C . -8.40 13.96 12.40
S16 MRK C . -7.44 15.51 8.84
N17 MRK C . -5.06 16.62 9.38
C18 MRK C . -6.38 16.77 9.36
N19 MRK C . -6.81 17.97 9.80
C20 MRK C . -5.66 18.62 10.11
C21 MRK C . -4.60 17.78 9.85
C22 MRK C . -4.27 15.43 8.97
N23 MRK C . -10.42 13.10 13.27
#